data_1HQC
#
_entry.id   1HQC
#
_cell.length_a   84.865
_cell.length_b   84.865
_cell.length_c   355.24
_cell.angle_alpha   90
_cell.angle_beta   90
_cell.angle_gamma   90
#
_symmetry.space_group_name_H-M   'P 43 21 2'
#
loop_
_entity.id
_entity.type
_entity.pdbx_description
1 polymer RUVB
2 non-polymer 'MAGNESIUM ION'
3 non-polymer ADENINE
#
_entity_poly.entity_id   1
_entity_poly.type   'polypeptide(L)'
_entity_poly.pdbx_seq_one_letter_code
;MEDLALRPKTLDEYIGQERLKQKLRVYLEAAKARKEPLEHLLLFGPPGLGKTTLAHVIAHELGVNLRVTSGPAIEKPGDL
AAILANSLEEGDILFIDEIHRLSRQAEEHLYPAMEDFVMDIVIGQGPAARTIRLELPRFTLIGATTRPGLITAPLLSRFG
IVEHLEYYTPEELAQGVMRDARLLGVRITEEAALEIGRRSRGTMRVAKRLFRRVRDFAQVAGEEVITRERALEALAALGL
DELGLEKRDREILEVLILRFGGGPVGLATLATALSEDPGTLEEVHEPYLIRQGLLKRTPRGRVPTELAYRHLGYPPPVGP
LLEP
;
_entity_poly.pdbx_strand_id   A,B
#
loop_
_chem_comp.id
_chem_comp.type
_chem_comp.name
_chem_comp.formula
ADE non-polymer ADENINE 'C5 H5 N5'
MG non-polymer 'MAGNESIUM ION' 'Mg 2'
#
# COMPACT_ATOMS: atom_id res chain seq x y z
N ALA A 5 36.69 6.33 4.61
CA ALA A 5 35.76 7.49 4.69
C ALA A 5 35.14 7.61 6.08
N LEU A 6 35.96 8.02 7.05
CA LEU A 6 35.49 8.20 8.42
C LEU A 6 35.24 9.68 8.67
N ARG A 7 34.11 9.99 9.30
CA ARG A 7 33.71 11.36 9.60
C ARG A 7 33.19 11.49 11.02
N PRO A 8 32.95 12.73 11.50
CA PRO A 8 32.45 12.90 12.85
C PRO A 8 31.13 12.17 13.11
N LYS A 9 31.00 11.63 14.31
CA LYS A 9 29.79 10.91 14.69
C LYS A 9 28.88 11.80 15.52
N THR A 10 29.43 12.35 16.61
CA THR A 10 28.67 13.21 17.53
C THR A 10 28.54 14.67 17.09
N LEU A 11 27.42 15.27 17.50
CA LEU A 11 27.16 16.68 17.16
C LEU A 11 28.28 17.55 17.71
N ASP A 12 29.08 16.99 18.61
CA ASP A 12 30.20 17.71 19.19
C ASP A 12 31.36 17.66 18.21
N GLU A 13 31.73 16.46 17.78
CA GLU A 13 32.84 16.28 16.84
C GLU A 13 32.68 17.04 15.53
N TYR A 14 31.48 17.53 15.25
CA TYR A 14 31.22 18.27 14.02
C TYR A 14 31.90 19.64 13.99
N ILE A 15 32.90 19.79 13.12
CA ILE A 15 33.61 21.07 13.03
C ILE A 15 32.77 22.17 12.39
N GLY A 16 32.21 23.08 13.18
CA GLY A 16 31.44 24.17 12.57
C GLY A 16 29.95 24.28 12.80
N GLN A 17 29.39 25.35 12.25
CA GLN A 17 27.96 25.65 12.36
C GLN A 17 27.50 25.60 13.82
N GLU A 18 28.15 26.40 14.68
CA GLU A 18 27.79 26.43 16.10
C GLU A 18 26.32 26.76 16.28
N ARG A 19 25.90 27.95 15.86
CA ARG A 19 24.50 28.35 16.03
C ARG A 19 23.60 27.18 15.68
N LEU A 20 23.89 26.53 14.56
CA LEU A 20 23.07 25.39 14.15
C LEU A 20 23.18 24.21 15.10
N LYS A 21 24.39 23.89 15.53
CA LYS A 21 24.53 22.77 16.45
C LYS A 21 23.71 23.03 17.71
N GLN A 22 23.85 24.22 18.27
CA GLN A 22 23.08 24.59 19.46
C GLN A 22 21.63 24.42 19.11
N LYS A 23 21.16 25.17 18.11
CA LYS A 23 19.77 25.08 17.69
C LYS A 23 19.32 23.63 17.53
N LEU A 24 20.19 22.77 17.01
CA LEU A 24 19.82 21.37 16.84
C LEU A 24 19.77 20.71 18.22
N ARG A 25 20.83 20.90 18.99
CA ARG A 25 20.92 20.35 20.33
C ARG A 25 19.59 20.54 21.05
N VAL A 26 19.09 21.77 20.98
CA VAL A 26 17.83 22.10 21.61
C VAL A 26 16.74 21.17 21.14
N TYR A 27 16.58 21.06 19.82
CA TYR A 27 15.54 20.18 19.27
C TYR A 27 15.71 18.70 19.56
N LEU A 28 16.96 18.24 19.66
CA LEU A 28 17.24 16.84 19.95
C LEU A 28 16.90 16.53 21.39
N GLU A 29 17.81 16.86 22.30
CA GLU A 29 17.62 16.55 23.73
C GLU A 29 16.16 16.72 24.15
N ALA A 30 15.61 17.91 23.83
CA ALA A 30 14.20 18.15 24.12
C ALA A 30 13.32 17.03 23.60
N ALA A 31 13.83 16.34 22.56
CA ALA A 31 13.04 15.30 21.91
C ALA A 31 13.45 13.88 22.36
N LYS A 32 14.76 13.73 22.64
CA LYS A 32 15.21 12.47 23.23
C LYS A 32 14.50 12.25 24.56
N ALA A 33 14.15 13.39 25.19
CA ALA A 33 13.35 13.32 26.41
C ALA A 33 11.85 13.25 26.10
N ARG A 34 11.41 14.14 25.19
CA ARG A 34 10.01 14.11 24.78
C ARG A 34 9.69 12.83 24.01
N LYS A 35 10.25 12.75 22.79
CA LYS A 35 10.13 11.54 22.01
C LYS A 35 10.95 11.59 20.72
N GLU A 36 11.19 10.40 20.15
CA GLU A 36 12.15 10.30 19.06
C GLU A 36 11.66 10.96 17.77
N PRO A 37 10.36 11.24 17.75
CA PRO A 37 9.74 12.01 16.67
C PRO A 37 10.36 13.41 16.51
N LEU A 38 11.62 13.45 16.04
CA LEU A 38 12.19 14.74 15.70
C LEU A 38 11.48 15.33 14.49
N GLU A 39 10.93 16.55 14.68
CA GLU A 39 10.19 17.20 13.62
C GLU A 39 11.02 17.25 12.32
N HIS A 40 10.21 17.37 11.26
CA HIS A 40 10.78 17.32 9.92
C HIS A 40 11.67 18.53 9.63
N LEU A 41 12.95 18.36 9.94
CA LEU A 41 13.96 19.39 9.75
C LEU A 41 14.25 19.64 8.28
N LEU A 42 14.59 20.88 7.96
CA LEU A 42 14.89 21.29 6.59
C LEU A 42 16.10 22.19 6.58
N LEU A 43 17.26 21.65 6.23
CA LEU A 43 18.45 22.47 6.20
C LEU A 43 18.65 23.22 4.89
N PHE A 44 18.80 24.53 4.99
CA PHE A 44 19.03 25.38 3.83
C PHE A 44 20.53 25.61 3.85
N GLY A 45 21.17 25.73 2.70
CA GLY A 45 22.61 25.94 2.74
C GLY A 45 23.15 26.54 1.46
N PRO A 46 24.14 27.43 1.54
CA PRO A 46 24.66 28.02 0.31
C PRO A 46 25.05 26.89 -0.61
N PRO A 47 25.04 27.14 -1.92
CA PRO A 47 25.42 26.07 -2.84
C PRO A 47 26.79 25.49 -2.54
N GLY A 48 26.85 24.17 -2.55
CA GLY A 48 28.09 23.47 -2.30
C GLY A 48 28.42 23.25 -0.84
N LEU A 49 27.41 23.12 0.02
CA LEU A 49 27.73 22.91 1.43
C LEU A 49 27.31 21.59 2.07
N GLY A 50 28.31 20.81 2.49
CA GLY A 50 28.07 19.51 3.10
C GLY A 50 27.02 19.40 4.19
N LYS A 51 25.86 18.88 3.83
CA LYS A 51 24.76 18.72 4.78
C LYS A 51 24.59 17.28 5.25
N THR A 52 24.92 16.34 4.38
CA THR A 52 24.79 14.92 4.71
C THR A 52 25.40 14.57 6.05
N THR A 53 26.68 14.90 6.19
CA THR A 53 27.44 14.63 7.41
C THR A 53 26.63 14.99 8.64
N LEU A 54 26.18 16.23 8.68
CA LEU A 54 25.39 16.74 9.77
C LEU A 54 24.21 15.83 10.01
N ALA A 55 23.65 15.29 8.92
CA ALA A 55 22.48 14.40 9.01
C ALA A 55 22.87 13.11 9.68
N HIS A 56 24.08 12.63 9.37
CA HIS A 56 24.55 11.41 9.99
C HIS A 56 24.63 11.69 11.47
N VAL A 57 25.11 12.88 11.81
CA VAL A 57 25.23 13.27 13.21
C VAL A 57 23.82 13.29 13.82
N ILE A 58 23.00 14.24 13.36
CA ILE A 58 21.63 14.35 13.85
C ILE A 58 21.04 12.96 14.03
N ALA A 59 21.47 12.04 13.18
CA ALA A 59 20.99 10.69 13.23
C ALA A 59 21.63 9.95 14.38
N HIS A 60 22.94 10.07 14.48
CA HIS A 60 23.69 9.41 15.54
C HIS A 60 23.25 9.94 16.89
N GLU A 61 23.10 11.26 16.99
CA GLU A 61 22.66 11.88 18.24
C GLU A 61 21.36 11.20 18.63
N LEU A 62 20.33 11.36 17.80
CA LEU A 62 19.05 10.74 18.07
C LEU A 62 19.15 9.24 18.29
N GLY A 63 20.27 8.65 17.87
CA GLY A 63 20.44 7.22 18.03
C GLY A 63 19.44 6.43 17.18
N VAL A 64 19.46 6.67 15.88
CA VAL A 64 18.59 5.97 14.93
C VAL A 64 19.35 5.77 13.61
N ASN A 65 18.69 5.13 12.65
CA ASN A 65 19.31 4.87 11.36
C ASN A 65 19.05 6.01 10.40
N LEU A 66 19.89 6.10 9.39
CA LEU A 66 19.80 7.15 8.40
C LEU A 66 19.81 6.64 6.98
N ARG A 67 18.71 6.86 6.26
CA ARG A 67 18.62 6.43 4.88
C ARG A 67 18.81 7.69 4.00
N VAL A 68 20.02 7.86 3.46
CA VAL A 68 20.35 9.01 2.62
C VAL A 68 19.92 8.86 1.15
N THR A 69 19.52 9.96 0.52
CA THR A 69 19.06 9.90 -0.87
C THR A 69 19.01 11.30 -1.48
N SER A 70 19.12 11.41 -2.80
CA SER A 70 19.07 12.71 -3.44
C SER A 70 17.65 13.03 -3.89
N GLY A 71 17.45 14.20 -4.46
CA GLY A 71 16.14 14.56 -4.94
C GLY A 71 15.96 13.85 -6.26
N PRO A 72 17.03 13.79 -7.04
CA PRO A 72 16.99 13.13 -8.34
C PRO A 72 16.84 11.65 -8.09
N ALA A 73 17.69 11.13 -7.21
CA ALA A 73 17.67 9.72 -6.86
C ALA A 73 16.25 9.15 -6.80
N ILE A 74 15.33 9.87 -6.17
CA ILE A 74 13.94 9.44 -6.09
C ILE A 74 13.42 9.51 -7.53
N GLU A 75 13.59 8.43 -8.30
CA GLU A 75 13.18 8.38 -9.72
C GLU A 75 11.67 8.26 -9.99
N LYS A 76 11.00 7.43 -9.22
CA LYS A 76 9.56 7.25 -9.38
C LYS A 76 9.01 7.16 -7.98
N PRO A 77 7.70 7.30 -7.83
CA PRO A 77 7.10 7.23 -6.51
C PRO A 77 7.47 5.93 -5.81
N GLY A 78 7.39 4.84 -6.56
CA GLY A 78 7.73 3.55 -6.02
C GLY A 78 8.91 3.68 -5.09
N ASP A 79 10.03 4.13 -5.63
CA ASP A 79 11.25 4.30 -4.87
C ASP A 79 11.05 4.99 -3.52
N LEU A 80 10.20 6.00 -3.49
CA LEU A 80 9.96 6.71 -2.24
C LEU A 80 9.15 5.82 -1.30
N ALA A 81 8.11 5.20 -1.84
CA ALA A 81 7.27 4.30 -1.07
C ALA A 81 8.11 3.16 -0.50
N ALA A 82 8.76 2.45 -1.40
CA ALA A 82 9.60 1.34 -1.05
C ALA A 82 10.60 1.67 0.07
N ILE A 83 10.91 2.95 0.25
CA ILE A 83 11.85 3.35 1.29
C ILE A 83 11.12 3.66 2.56
N LEU A 84 10.08 4.48 2.47
CA LEU A 84 9.40 4.81 3.72
C LEU A 84 8.66 3.60 4.31
N ALA A 85 8.30 2.65 3.42
CA ALA A 85 7.45 1.56 3.85
C ALA A 85 8.25 0.32 4.28
N ASN A 86 9.48 0.20 3.75
CA ASN A 86 10.30 -0.96 4.09
C ASN A 86 11.59 -0.56 4.80
N SER A 87 12.53 -0.01 4.01
CA SER A 87 13.83 0.37 4.58
C SER A 87 13.68 1.01 5.96
N LEU A 88 12.62 1.77 6.21
CA LEU A 88 12.52 2.55 7.45
C LEU A 88 11.64 2.05 8.53
N GLU A 89 12.19 2.01 9.75
CA GLU A 89 11.42 1.60 10.92
C GLU A 89 11.26 2.87 11.73
N GLU A 90 10.22 2.90 12.57
CA GLU A 90 9.91 4.07 13.38
C GLU A 90 11.10 4.75 14.05
N GLY A 91 11.21 6.06 13.79
CA GLY A 91 12.26 6.84 14.39
C GLY A 91 13.41 7.15 13.46
N ASP A 92 13.54 6.37 12.40
CA ASP A 92 14.64 6.59 11.46
C ASP A 92 14.54 7.89 10.68
N ILE A 93 15.64 8.22 10.01
CA ILE A 93 15.73 9.44 9.24
C ILE A 93 15.89 9.20 7.75
N LEU A 94 15.00 9.76 6.95
CA LEU A 94 15.10 9.64 5.50
C LEU A 94 15.64 11.00 5.07
N PHE A 95 16.86 11.02 4.58
CA PHE A 95 17.48 12.27 4.17
C PHE A 95 17.31 12.56 2.68
N ILE A 96 16.40 13.45 2.31
CA ILE A 96 16.23 13.75 0.89
C ILE A 96 17.08 14.97 0.50
N ASP A 97 18.36 14.76 0.26
CA ASP A 97 19.23 15.86 -0.13
C ASP A 97 18.67 16.50 -1.41
N GLU A 98 19.11 17.73 -1.73
CA GLU A 98 18.64 18.44 -2.92
C GLU A 98 17.12 18.34 -3.09
N ILE A 99 16.42 18.17 -1.98
CA ILE A 99 14.97 18.02 -1.97
C ILE A 99 14.20 19.00 -2.86
N HIS A 100 14.85 20.06 -3.30
CA HIS A 100 14.16 21.02 -4.13
C HIS A 100 13.83 20.44 -5.49
N ARG A 101 14.58 19.42 -5.91
CA ARG A 101 14.31 18.81 -7.21
C ARG A 101 13.83 17.37 -7.12
N LEU A 102 12.56 17.22 -6.80
CA LEU A 102 11.93 15.92 -6.70
C LEU A 102 10.97 15.79 -7.87
N SER A 103 10.52 14.56 -8.10
CA SER A 103 9.56 14.30 -9.16
C SER A 103 8.22 14.90 -8.76
N ARG A 104 7.58 15.63 -9.67
CA ARG A 104 6.29 16.24 -9.38
C ARG A 104 5.40 15.33 -8.54
N GLN A 105 5.39 14.06 -8.93
CA GLN A 105 4.60 13.04 -8.27
C GLN A 105 5.27 12.59 -6.98
N ALA A 106 6.56 12.27 -7.10
CA ALA A 106 7.34 11.84 -5.96
C ALA A 106 7.09 12.83 -4.82
N GLU A 107 7.05 14.11 -5.15
CA GLU A 107 6.81 15.12 -4.14
C GLU A 107 5.43 14.89 -3.56
N GLU A 108 4.43 14.91 -4.44
CA GLU A 108 3.04 14.73 -4.04
C GLU A 108 2.85 13.55 -3.10
N HIS A 109 3.79 12.61 -3.14
CA HIS A 109 3.73 11.44 -2.27
C HIS A 109 4.39 11.72 -0.93
N LEU A 110 5.40 12.59 -0.95
CA LEU A 110 6.10 12.95 0.28
C LEU A 110 5.18 13.73 1.22
N TYR A 111 4.31 14.55 0.64
CA TYR A 111 3.38 15.33 1.43
C TYR A 111 2.70 14.46 2.48
N PRO A 112 1.79 13.58 2.04
CA PRO A 112 1.06 12.68 2.94
C PRO A 112 1.90 12.01 4.03
N ALA A 113 2.97 11.36 3.58
CA ALA A 113 3.89 10.65 4.44
C ALA A 113 4.47 11.53 5.52
N MET A 114 4.82 12.76 5.17
CA MET A 114 5.39 13.69 6.14
C MET A 114 4.34 14.20 7.09
N GLU A 115 3.13 14.39 6.58
CA GLU A 115 2.04 14.92 7.37
C GLU A 115 1.36 13.91 8.29
N ASP A 116 0.79 12.86 7.71
CA ASP A 116 0.08 11.87 8.52
C ASP A 116 0.63 10.45 8.48
N PHE A 117 1.84 10.27 7.93
CA PHE A 117 2.47 8.96 7.87
C PHE A 117 1.59 7.89 7.22
N VAL A 118 1.14 8.19 6.01
CA VAL A 118 0.30 7.32 5.24
C VAL A 118 0.45 7.77 3.79
N MET A 119 0.90 6.86 2.93
CA MET A 119 1.10 7.16 1.52
C MET A 119 0.22 6.25 0.65
N ASP A 120 -0.44 6.80 -0.36
CA ASP A 120 -1.25 5.96 -1.24
C ASP A 120 -0.33 5.43 -2.31
N ILE A 121 -0.85 4.62 -3.22
CA ILE A 121 0.01 4.06 -4.26
C ILE A 121 -0.76 3.37 -5.40
N VAL A 122 -0.34 3.66 -6.63
CA VAL A 122 -1.00 3.13 -7.82
C VAL A 122 -0.58 1.72 -8.20
N ILE A 123 -1.15 0.72 -7.54
CA ILE A 123 -0.81 -0.67 -7.83
C ILE A 123 -1.26 -1.15 -9.22
N GLY A 124 -0.40 -1.91 -9.89
CA GLY A 124 -0.74 -2.46 -11.20
C GLY A 124 -0.51 -1.48 -12.34
N GLN A 125 -1.06 -1.79 -13.52
CA GLN A 125 -0.92 -0.93 -14.69
C GLN A 125 -2.15 -0.93 -15.62
N GLY A 126 -2.50 0.25 -16.11
CA GLY A 126 -3.63 0.41 -17.00
C GLY A 126 -4.94 0.67 -16.28
N PRO A 127 -6.07 0.28 -16.89
CA PRO A 127 -7.39 0.47 -16.28
C PRO A 127 -7.67 -0.74 -15.42
N ALA A 128 -6.86 -1.78 -15.63
CA ALA A 128 -6.96 -3.05 -14.90
C ALA A 128 -6.15 -3.00 -13.60
N ALA A 129 -6.00 -1.80 -13.04
CA ALA A 129 -5.25 -1.63 -11.80
C ALA A 129 -6.00 -0.72 -10.83
N ARG A 130 -5.67 -0.84 -9.55
CA ARG A 130 -6.32 -0.07 -8.51
C ARG A 130 -5.31 0.77 -7.72
N THR A 131 -5.73 1.22 -6.53
CA THR A 131 -4.91 2.05 -5.67
C THR A 131 -4.97 1.60 -4.22
N ILE A 132 -3.81 1.43 -3.60
CA ILE A 132 -3.71 0.99 -2.21
C ILE A 132 -3.17 2.07 -1.30
N ARG A 133 -3.47 1.98 -0.02
CA ARG A 133 -2.97 2.96 0.94
C ARG A 133 -2.03 2.32 1.94
N LEU A 134 -0.72 2.58 1.82
CA LEU A 134 0.30 2.01 2.73
C LEU A 134 0.50 2.88 3.98
N GLU A 135 0.38 2.29 5.17
CA GLU A 135 0.59 3.07 6.40
C GLU A 135 2.06 3.08 6.82
N LEU A 136 2.64 4.27 6.97
CA LEU A 136 4.05 4.43 7.33
C LEU A 136 4.30 4.67 8.81
N PRO A 137 5.43 4.15 9.32
CA PRO A 137 5.86 4.27 10.72
C PRO A 137 6.21 5.72 10.94
N ARG A 138 6.50 6.12 12.17
CA ARG A 138 6.87 7.51 12.38
C ARG A 138 8.37 7.67 12.20
N PHE A 139 8.74 8.42 11.17
CA PHE A 139 10.12 8.70 10.83
C PHE A 139 10.24 10.20 10.76
N THR A 140 11.47 10.67 10.66
CA THR A 140 11.70 12.10 10.57
C THR A 140 12.42 12.28 9.25
N LEU A 141 12.00 13.26 8.48
CA LEU A 141 12.62 13.52 7.21
C LEU A 141 13.45 14.79 7.29
N ILE A 142 14.68 14.72 6.78
CA ILE A 142 15.54 15.88 6.79
C ILE A 142 15.78 16.25 5.36
N GLY A 143 15.28 17.42 4.97
CA GLY A 143 15.47 17.89 3.61
C GLY A 143 16.56 18.93 3.54
N ALA A 144 17.46 18.79 2.58
CA ALA A 144 18.55 19.73 2.40
C ALA A 144 18.39 20.45 1.07
N THR A 145 18.88 21.69 0.99
CA THR A 145 18.77 22.45 -0.25
C THR A 145 19.90 23.37 -0.57
N THR A 146 20.30 23.33 -1.84
CA THR A 146 21.34 24.18 -2.36
C THR A 146 20.65 25.46 -2.79
N ARG A 147 19.38 25.36 -3.16
CA ARG A 147 18.58 26.52 -3.60
C ARG A 147 17.50 26.80 -2.59
N PRO A 148 17.89 27.21 -1.36
CA PRO A 148 16.94 27.51 -0.29
C PRO A 148 15.68 28.17 -0.82
N GLY A 149 15.85 28.88 -1.92
CA GLY A 149 14.76 29.59 -2.57
C GLY A 149 13.45 28.92 -2.26
N LEU A 150 12.38 29.72 -2.12
CA LEU A 150 11.06 29.16 -1.85
C LEU A 150 10.76 28.26 -3.05
N ILE A 151 11.82 27.98 -3.80
CA ILE A 151 11.79 27.10 -4.95
C ILE A 151 11.42 25.73 -4.36
N THR A 152 10.81 25.79 -3.18
CA THR A 152 10.30 24.67 -2.41
C THR A 152 8.88 25.15 -2.04
N ALA A 153 7.91 24.77 -2.88
CA ALA A 153 6.48 25.15 -2.76
C ALA A 153 5.78 25.04 -1.37
N PRO A 154 4.70 24.23 -1.22
CA PRO A 154 4.15 24.21 0.14
C PRO A 154 4.70 22.98 0.86
N LEU A 155 5.70 22.35 0.24
CA LEU A 155 6.39 21.20 0.81
C LEU A 155 7.04 21.80 2.05
N LEU A 156 7.27 23.11 2.00
CA LEU A 156 7.90 23.83 3.11
C LEU A 156 7.01 23.76 4.33
N SER A 157 5.73 23.97 4.08
CA SER A 157 4.70 23.95 5.10
C SER A 157 4.85 22.76 6.05
N ARG A 158 5.08 21.57 5.49
CA ARG A 158 5.19 20.36 6.28
C ARG A 158 6.50 20.11 6.98
N PHE A 159 7.23 21.18 7.26
CA PHE A 159 8.49 21.04 7.99
C PHE A 159 8.43 21.61 9.40
N GLY A 160 9.14 20.95 10.30
CA GLY A 160 9.18 21.38 11.67
C GLY A 160 10.31 22.36 11.83
N ILE A 161 11.54 21.88 11.82
CA ILE A 161 12.68 22.75 11.97
C ILE A 161 13.15 23.17 10.61
N VAL A 162 13.55 24.44 10.50
CA VAL A 162 14.08 24.95 9.25
C VAL A 162 15.25 25.85 9.57
N GLU A 163 16.45 25.32 9.43
CA GLU A 163 17.65 26.10 9.69
C GLU A 163 18.54 26.30 8.47
N HIS A 164 19.56 27.14 8.63
CA HIS A 164 20.47 27.50 7.55
C HIS A 164 21.88 27.12 7.98
N LEU A 165 22.80 27.06 7.04
CA LEU A 165 24.19 26.77 7.35
C LEU A 165 24.96 27.92 6.74
N GLU A 166 25.96 28.44 7.44
CA GLU A 166 26.74 29.53 6.87
C GLU A 166 28.00 28.90 6.37
N TYR A 167 28.81 29.66 5.64
CA TYR A 167 30.04 29.09 5.14
C TYR A 167 30.92 28.79 6.35
N TYR A 168 32.01 28.06 6.13
CA TYR A 168 32.91 27.75 7.23
C TYR A 168 34.06 28.75 7.26
N THR A 169 34.46 29.15 8.47
CA THR A 169 35.56 30.09 8.62
C THR A 169 36.85 29.38 8.26
N PRO A 170 37.77 30.09 7.61
CA PRO A 170 39.05 29.49 7.22
C PRO A 170 39.64 28.60 8.32
N GLU A 171 39.45 29.02 9.57
CA GLU A 171 39.94 28.28 10.72
C GLU A 171 39.15 26.99 10.83
N GLU A 172 37.83 27.10 10.80
CA GLU A 172 36.98 25.92 10.90
C GLU A 172 37.45 24.96 9.82
N LEU A 173 37.74 25.51 8.64
CA LEU A 173 38.20 24.69 7.51
C LEU A 173 39.54 24.06 7.83
N ALA A 174 40.49 24.89 8.24
CA ALA A 174 41.81 24.39 8.59
C ALA A 174 41.60 23.29 9.63
N GLN A 175 40.95 23.65 10.74
CA GLN A 175 40.66 22.72 11.82
C GLN A 175 40.21 21.41 11.21
N GLY A 176 39.52 21.51 10.08
CA GLY A 176 39.03 20.33 9.38
C GLY A 176 40.11 19.77 8.47
N VAL A 177 40.82 20.64 7.76
CA VAL A 177 41.88 20.19 6.86
C VAL A 177 42.90 19.40 7.64
N MET A 178 43.25 19.91 8.80
CA MET A 178 44.24 19.29 9.67
C MET A 178 43.66 18.06 10.37
N ARG A 179 42.44 18.20 10.88
CA ARG A 179 41.79 17.10 11.56
C ARG A 179 41.61 15.95 10.57
N ASP A 180 41.13 16.27 9.37
CA ASP A 180 40.93 15.27 8.33
C ASP A 180 42.28 14.78 7.81
N ALA A 181 43.25 15.69 7.72
CA ALA A 181 44.57 15.36 7.21
C ALA A 181 45.35 14.39 8.09
N ARG A 182 45.96 14.93 9.14
CA ARG A 182 46.76 14.16 10.08
C ARG A 182 46.31 12.72 10.26
N LEU A 183 45.03 12.56 10.62
CA LEU A 183 44.50 11.22 10.87
C LEU A 183 44.48 10.39 9.59
N LEU A 184 44.72 11.08 8.46
CA LEU A 184 44.58 10.40 7.18
C LEU A 184 45.90 9.83 6.64
N GLY A 185 47.01 10.31 7.21
CA GLY A 185 48.29 9.73 6.81
C GLY A 185 49.33 10.79 6.41
N VAL A 186 48.87 12.06 6.38
CA VAL A 186 49.82 13.13 6.10
C VAL A 186 49.95 14.08 7.28
N ARG A 187 51.08 14.76 7.45
CA ARG A 187 51.25 15.68 8.55
C ARG A 187 51.51 17.08 7.98
N ILE A 188 50.89 18.09 8.58
CA ILE A 188 51.03 19.47 8.12
C ILE A 188 50.75 20.50 9.23
N THR A 189 51.63 21.48 9.37
CA THR A 189 51.48 22.51 10.40
C THR A 189 50.14 23.21 10.24
N GLU A 190 49.64 23.79 11.33
CA GLU A 190 48.35 24.47 11.25
C GLU A 190 48.43 25.64 10.27
N GLU A 191 49.47 26.45 10.38
CA GLU A 191 49.63 27.60 9.50
C GLU A 191 49.43 27.14 8.06
N ALA A 192 50.00 25.98 7.75
CA ALA A 192 49.88 25.45 6.40
C ALA A 192 48.42 25.20 6.09
N ALA A 193 47.80 24.30 6.84
CA ALA A 193 46.39 24.00 6.65
C ALA A 193 45.59 25.29 6.54
N LEU A 194 45.68 26.11 7.57
CA LEU A 194 44.95 27.37 7.61
C LEU A 194 45.23 28.27 6.41
N GLU A 195 46.32 28.02 5.70
CA GLU A 195 46.63 28.84 4.54
C GLU A 195 45.86 28.25 3.36
N ILE A 196 45.43 26.99 3.55
CA ILE A 196 44.65 26.26 2.54
C ILE A 196 43.20 26.60 2.82
N GLY A 197 42.90 26.80 4.10
CA GLY A 197 41.55 27.13 4.49
C GLY A 197 41.21 28.45 3.83
N ARG A 198 41.99 29.47 4.17
CA ARG A 198 41.80 30.80 3.61
C ARG A 198 41.60 30.69 2.10
N ARG A 199 42.45 29.90 1.45
CA ARG A 199 42.37 29.71 0.01
C ARG A 199 41.09 29.00 -0.42
N SER A 200 40.56 28.13 0.44
CA SER A 200 39.34 27.41 0.13
C SER A 200 38.22 28.44 -0.05
N ARG A 201 36.96 28.00 -0.07
CA ARG A 201 35.87 28.97 -0.27
C ARG A 201 34.71 28.87 0.67
N GLY A 202 35.00 28.82 1.96
CA GLY A 202 33.94 28.74 2.96
C GLY A 202 33.35 27.36 2.88
N THR A 203 33.81 26.62 1.89
CA THR A 203 33.33 25.28 1.69
C THR A 203 34.31 24.27 2.27
N MET A 204 33.76 23.32 3.01
CA MET A 204 34.56 22.28 3.64
C MET A 204 34.87 21.33 2.53
N ARG A 205 33.85 21.10 1.70
CA ARG A 205 33.97 20.23 0.54
C ARG A 205 35.24 20.61 -0.22
N VAL A 206 35.33 21.89 -0.59
CA VAL A 206 36.50 22.39 -1.32
C VAL A 206 37.75 22.41 -0.48
N ALA A 207 37.59 22.70 0.80
CA ALA A 207 38.72 22.76 1.72
C ALA A 207 39.57 21.51 1.61
N LYS A 208 38.94 20.36 1.83
CA LYS A 208 39.63 19.10 1.76
C LYS A 208 40.00 18.75 0.33
N ARG A 209 39.16 19.17 -0.61
CA ARG A 209 39.38 18.91 -2.05
C ARG A 209 40.56 19.69 -2.61
N LEU A 210 40.98 20.73 -1.91
CA LEU A 210 42.11 21.55 -2.35
C LEU A 210 43.32 20.88 -1.74
N PHE A 211 43.27 20.74 -0.42
CA PHE A 211 44.31 20.12 0.34
C PHE A 211 44.82 18.89 -0.40
N ARG A 212 43.94 18.28 -1.19
CA ARG A 212 44.30 17.10 -1.95
C ARG A 212 45.30 17.42 -3.06
N ARG A 213 45.22 18.63 -3.62
CA ARG A 213 46.15 19.02 -4.67
C ARG A 213 47.41 19.64 -4.07
N VAL A 214 47.46 19.69 -2.74
CA VAL A 214 48.63 20.23 -2.05
C VAL A 214 49.45 19.03 -1.61
N ARG A 215 48.88 18.23 -0.72
CA ARG A 215 49.50 17.00 -0.21
C ARG A 215 49.94 16.06 -1.33
N ASP A 216 49.48 16.36 -2.55
CA ASP A 216 49.86 15.51 -3.67
C ASP A 216 51.00 16.11 -4.48
N PHE A 217 51.34 17.36 -4.13
CA PHE A 217 52.37 18.06 -4.89
C PHE A 217 53.68 18.18 -4.11
N ALA A 218 53.55 18.57 -2.83
CA ALA A 218 54.74 18.89 -2.05
C ALA A 218 55.40 17.65 -1.41
N GLN A 219 54.56 16.85 -0.70
CA GLN A 219 55.12 15.73 0.06
C GLN A 219 55.66 14.61 -0.83
N VAL A 220 55.95 14.95 -2.11
CA VAL A 220 56.44 13.93 -3.03
C VAL A 220 57.93 13.64 -2.80
N ALA A 221 58.67 14.73 -2.55
CA ALA A 221 60.08 14.59 -2.22
C ALA A 221 60.28 14.50 -0.71
N GLY A 222 60.13 15.67 -0.05
CA GLY A 222 60.16 15.72 1.41
C GLY A 222 58.81 15.29 2.00
N GLU A 223 58.85 14.31 2.91
CA GLU A 223 57.61 13.62 3.26
C GLU A 223 56.97 14.02 4.59
N GLU A 224 57.81 14.22 5.63
CA GLU A 224 57.27 14.26 6.99
C GLU A 224 56.64 15.61 7.37
N VAL A 225 56.77 16.63 6.49
CA VAL A 225 56.25 17.93 6.88
C VAL A 225 55.71 18.74 5.71
N ILE A 226 54.65 19.51 6.02
CA ILE A 226 54.16 20.51 5.09
C ILE A 226 53.95 21.82 5.83
N THR A 227 54.87 22.76 5.67
CA THR A 227 54.73 24.05 6.33
C THR A 227 54.04 25.00 5.39
N ARG A 228 53.72 26.20 5.88
CA ARG A 228 53.05 27.20 5.05
C ARG A 228 53.79 27.30 3.73
N GLU A 229 55.07 27.64 3.81
CA GLU A 229 55.91 27.77 2.62
C GLU A 229 55.70 26.58 1.69
N ARG A 230 55.73 25.38 2.26
CA ARG A 230 55.53 24.17 1.47
C ARG A 230 54.20 24.33 0.75
N ALA A 231 53.13 24.37 1.55
CA ALA A 231 51.77 24.51 1.06
C ALA A 231 51.69 25.67 0.09
N LEU A 232 52.21 26.81 0.52
CA LEU A 232 52.24 28.02 -0.27
C LEU A 232 52.78 27.77 -1.66
N GLU A 233 53.94 27.13 -1.74
CA GLU A 233 54.55 26.82 -3.01
C GLU A 233 53.54 26.00 -3.79
N ALA A 234 52.92 25.05 -3.10
CA ALA A 234 51.91 24.19 -3.69
C ALA A 234 50.78 25.03 -4.28
N LEU A 235 50.01 25.66 -3.40
CA LEU A 235 48.90 26.49 -3.82
C LEU A 235 49.41 27.34 -4.97
N ALA A 236 50.53 28.01 -4.70
CA ALA A 236 51.17 28.88 -5.68
C ALA A 236 51.23 28.21 -7.04
N ALA A 237 51.99 27.12 -7.11
CA ALA A 237 52.16 26.37 -8.35
C ALA A 237 50.81 26.03 -8.98
N LEU A 238 49.84 25.69 -8.14
CA LEU A 238 48.51 25.31 -8.61
C LEU A 238 47.69 26.43 -9.24
N GLY A 239 48.04 27.68 -8.91
CA GLY A 239 47.32 28.81 -9.46
C GLY A 239 46.26 29.38 -8.53
N LEU A 240 46.58 29.48 -7.24
CA LEU A 240 45.64 29.98 -6.25
C LEU A 240 46.09 31.25 -5.58
N ASP A 241 45.38 32.34 -5.84
CA ASP A 241 45.72 33.60 -5.21
C ASP A 241 45.18 33.60 -3.77
N GLU A 242 45.75 34.46 -2.92
CA GLU A 242 45.33 34.57 -1.52
C GLU A 242 43.85 34.92 -1.42
N LEU A 243 43.19 34.97 -2.58
CA LEU A 243 41.79 35.32 -2.65
C LEU A 243 40.95 34.11 -3.04
N GLY A 244 41.63 32.97 -3.19
CA GLY A 244 40.95 31.73 -3.52
C GLY A 244 40.67 31.48 -4.98
N LEU A 245 40.82 32.52 -5.80
CA LEU A 245 40.56 32.40 -7.23
C LEU A 245 41.46 31.38 -7.92
N GLU A 246 40.85 30.55 -8.76
CA GLU A 246 41.60 29.55 -9.49
C GLU A 246 42.16 30.28 -10.72
N LYS A 247 43.18 29.69 -11.34
CA LYS A 247 43.82 30.25 -12.53
C LYS A 247 42.81 30.84 -13.53
N ARG A 248 41.84 30.01 -13.89
CA ARG A 248 40.81 30.42 -14.84
C ARG A 248 40.01 31.63 -14.36
N ASP A 249 39.50 31.59 -13.12
CA ASP A 249 38.73 32.72 -12.58
C ASP A 249 39.45 34.01 -12.93
N ARG A 250 40.72 34.04 -12.57
CA ARG A 250 41.55 35.19 -12.85
C ARG A 250 41.40 35.60 -14.30
N GLU A 251 41.63 34.65 -15.19
CA GLU A 251 41.56 34.92 -16.62
C GLU A 251 40.24 35.52 -17.01
N ILE A 252 39.15 35.04 -16.41
CA ILE A 252 37.85 35.58 -16.73
C ILE A 252 37.83 37.08 -16.47
N LEU A 253 38.24 37.49 -15.27
CA LEU A 253 38.30 38.90 -14.94
C LEU A 253 39.23 39.57 -15.94
N GLU A 254 40.39 38.93 -16.13
CA GLU A 254 41.42 39.37 -17.06
C GLU A 254 40.80 39.78 -18.39
N VAL A 255 40.10 38.85 -19.02
CA VAL A 255 39.46 39.11 -20.29
C VAL A 255 38.43 40.22 -20.16
N LEU A 256 37.63 40.11 -19.10
CA LEU A 256 36.60 41.09 -18.86
C LEU A 256 37.25 42.46 -18.89
N ILE A 257 38.24 42.63 -18.03
CA ILE A 257 38.98 43.89 -17.88
C ILE A 257 39.66 44.39 -19.13
N LEU A 258 40.33 43.49 -19.84
CA LEU A 258 41.07 43.85 -21.03
C LEU A 258 40.28 43.74 -22.33
N ARG A 259 39.79 42.54 -22.60
CA ARG A 259 39.04 42.29 -23.83
C ARG A 259 37.87 43.24 -24.02
N PHE A 260 37.03 43.38 -23.01
CA PHE A 260 35.87 44.26 -23.14
C PHE A 260 35.96 45.49 -22.30
N GLY A 261 37.14 45.71 -21.73
CA GLY A 261 37.36 46.88 -20.90
C GLY A 261 36.51 46.91 -19.65
N GLY A 262 35.95 45.74 -19.31
CA GLY A 262 35.10 45.62 -18.14
C GLY A 262 33.68 46.11 -18.38
N GLY A 263 33.56 47.16 -19.18
CA GLY A 263 32.26 47.75 -19.50
C GLY A 263 31.28 46.64 -19.77
N PRO A 264 29.98 46.84 -19.52
CA PRO A 264 28.92 45.85 -19.73
C PRO A 264 29.29 44.91 -20.85
N VAL A 265 29.26 43.60 -20.61
CA VAL A 265 29.62 42.66 -21.66
C VAL A 265 28.53 41.78 -22.17
N GLY A 266 27.92 41.02 -21.28
CA GLY A 266 26.88 40.13 -21.71
C GLY A 266 27.48 38.73 -21.68
N LEU A 267 26.92 37.87 -20.84
CA LEU A 267 27.43 36.52 -20.71
C LEU A 267 27.66 35.97 -22.09
N ALA A 268 26.73 36.29 -22.97
CA ALA A 268 26.78 35.86 -24.35
C ALA A 268 28.21 35.87 -24.91
N THR A 269 28.59 37.00 -25.47
CA THR A 269 29.90 37.17 -26.06
C THR A 269 31.08 37.00 -25.10
N LEU A 270 30.84 37.00 -23.80
CA LEU A 270 31.95 36.83 -22.87
C LEU A 270 32.37 35.39 -22.94
N ALA A 271 31.43 34.50 -22.66
CA ALA A 271 31.69 33.08 -22.73
C ALA A 271 32.28 32.77 -24.10
N THR A 272 31.64 33.28 -25.15
CA THR A 272 32.10 33.09 -26.52
C THR A 272 33.59 33.44 -26.65
N ALA A 273 33.90 34.73 -26.63
CA ALA A 273 35.29 35.15 -26.75
C ALA A 273 36.17 34.58 -25.64
N LEU A 274 35.61 34.42 -24.43
CA LEU A 274 36.38 33.87 -23.32
C LEU A 274 36.59 32.40 -23.61
N SER A 275 36.08 31.96 -24.76
CA SER A 275 36.20 30.58 -25.20
C SER A 275 35.82 29.65 -24.06
N GLU A 276 34.52 29.54 -23.81
CA GLU A 276 33.99 28.73 -22.71
C GLU A 276 32.47 28.60 -22.85
N ASP A 277 31.88 27.74 -22.03
CA ASP A 277 30.44 27.54 -22.06
C ASP A 277 29.76 28.58 -21.18
N PRO A 278 28.82 29.38 -21.74
CA PRO A 278 28.11 30.41 -20.95
C PRO A 278 27.61 29.85 -19.63
N GLY A 279 26.87 28.77 -19.72
CA GLY A 279 26.39 28.14 -18.52
C GLY A 279 27.56 27.84 -17.59
N THR A 280 28.63 27.25 -18.10
CA THR A 280 29.81 26.94 -17.29
C THR A 280 30.25 28.22 -16.60
N LEU A 281 30.54 29.21 -17.43
CA LEU A 281 30.97 30.50 -16.95
C LEU A 281 30.03 30.97 -15.84
N GLU A 282 28.76 31.17 -16.21
CA GLU A 282 27.71 31.65 -15.33
C GLU A 282 27.40 30.77 -14.12
N GLU A 283 27.47 29.46 -14.32
CA GLU A 283 27.16 28.50 -13.26
C GLU A 283 28.34 28.05 -12.40
N VAL A 284 29.53 28.10 -12.95
CA VAL A 284 30.66 27.63 -12.18
C VAL A 284 31.63 28.65 -11.67
N HIS A 285 32.03 29.58 -12.52
CA HIS A 285 32.99 30.55 -12.07
C HIS A 285 32.40 31.80 -11.49
N GLU A 286 31.50 32.43 -12.26
CA GLU A 286 30.86 33.68 -11.86
C GLU A 286 30.50 33.75 -10.39
N PRO A 287 29.83 32.72 -9.85
CA PRO A 287 29.44 32.72 -8.45
C PRO A 287 30.49 33.29 -7.53
N TYR A 288 31.49 32.48 -7.16
CA TYR A 288 32.54 32.95 -6.25
C TYR A 288 33.02 34.34 -6.64
N LEU A 289 33.10 34.62 -7.94
CA LEU A 289 33.55 35.90 -8.40
C LEU A 289 32.63 37.00 -7.89
N ILE A 290 31.33 36.79 -8.02
CA ILE A 290 30.38 37.81 -7.56
C ILE A 290 30.46 37.86 -6.06
N ARG A 291 30.53 36.70 -5.41
CA ARG A 291 30.60 36.65 -3.95
C ARG A 291 31.84 37.37 -3.43
N GLN A 292 32.95 37.28 -4.17
CA GLN A 292 34.20 37.94 -3.80
C GLN A 292 34.24 39.39 -4.26
N GLY A 293 33.11 39.85 -4.77
CA GLY A 293 32.98 41.21 -5.24
C GLY A 293 33.90 41.60 -6.37
N LEU A 294 34.14 40.68 -7.28
CA LEU A 294 35.02 40.96 -8.42
C LEU A 294 34.17 41.13 -9.67
N LEU A 295 33.13 40.33 -9.79
CA LEU A 295 32.26 40.42 -10.93
C LEU A 295 30.92 40.94 -10.47
N LYS A 296 30.15 41.48 -11.42
CA LYS A 296 28.83 41.99 -11.14
C LYS A 296 27.97 41.82 -12.39
N ARG A 297 26.74 41.31 -12.20
CA ARG A 297 25.79 41.12 -13.30
C ARG A 297 24.92 42.35 -13.40
N THR A 298 24.74 42.88 -14.60
CA THR A 298 23.93 44.08 -14.75
C THR A 298 23.09 43.97 -15.99
N PRO A 299 21.95 44.67 -16.02
CA PRO A 299 21.08 44.62 -17.19
C PRO A 299 21.85 44.89 -18.47
N ARG A 300 22.98 45.57 -18.33
CA ARG A 300 23.78 45.91 -19.49
C ARG A 300 24.77 44.83 -19.85
N GLY A 301 25.12 43.99 -18.89
CA GLY A 301 26.07 42.91 -19.14
C GLY A 301 27.01 42.66 -17.99
N ARG A 302 27.93 41.73 -18.17
CA ARG A 302 28.87 41.41 -17.11
C ARG A 302 29.88 42.54 -16.95
N VAL A 303 30.25 42.85 -15.73
CA VAL A 303 31.23 43.91 -15.51
C VAL A 303 32.07 43.53 -14.31
N PRO A 304 33.29 44.05 -14.26
CA PRO A 304 34.25 43.80 -13.19
C PRO A 304 34.34 44.91 -12.16
N THR A 305 34.27 44.52 -10.89
CA THR A 305 34.35 45.42 -9.77
C THR A 305 35.67 46.18 -9.84
N GLU A 306 35.78 47.25 -9.06
CA GLU A 306 37.03 47.98 -9.01
C GLU A 306 37.98 46.92 -8.48
N LEU A 307 37.61 46.36 -7.33
CA LEU A 307 38.41 45.34 -6.69
C LEU A 307 39.00 44.34 -7.69
N ALA A 308 38.31 44.12 -8.80
CA ALA A 308 38.81 43.19 -9.82
C ALA A 308 40.08 43.81 -10.37
N TYR A 309 39.94 45.01 -10.91
CA TYR A 309 41.07 45.73 -11.47
C TYR A 309 42.15 45.79 -10.42
N ARG A 310 41.77 46.17 -9.21
CA ARG A 310 42.74 46.30 -8.14
C ARG A 310 43.38 44.95 -7.81
N HIS A 311 42.65 43.86 -7.98
CA HIS A 311 43.21 42.55 -7.67
C HIS A 311 44.21 42.12 -8.74
N LEU A 312 43.79 42.19 -9.99
CA LEU A 312 44.64 41.82 -11.09
C LEU A 312 45.73 42.86 -11.28
N GLY A 313 46.05 43.56 -10.20
CA GLY A 313 47.09 44.57 -10.24
C GLY A 313 46.97 45.66 -11.30
N TYR A 314 45.76 46.18 -11.50
CA TYR A 314 45.55 47.24 -12.47
C TYR A 314 45.17 48.53 -11.76
N PRO A 315 45.03 49.61 -12.52
CA PRO A 315 44.65 50.86 -11.88
C PRO A 315 43.14 50.95 -11.94
N PRO A 316 42.46 50.78 -10.80
CA PRO A 316 41.00 50.88 -10.88
C PRO A 316 40.71 52.12 -11.73
N PRO A 317 40.02 51.94 -12.86
CA PRO A 317 39.69 53.05 -13.76
C PRO A 317 38.92 54.25 -13.20
N VAL A 318 39.29 55.43 -13.71
CA VAL A 318 38.70 56.72 -13.36
C VAL A 318 38.18 56.86 -11.91
N ALA B 5 -31.87 -6.16 13.86
CA ALA B 5 -31.87 -5.85 12.39
C ALA B 5 -32.92 -6.68 11.66
N LEU B 6 -32.69 -6.90 10.37
CA LEU B 6 -33.61 -7.69 9.55
C LEU B 6 -33.65 -9.16 9.99
N ARG B 7 -32.48 -9.76 10.16
CA ARG B 7 -32.39 -11.17 10.54
C ARG B 7 -31.68 -11.39 11.90
N PRO B 8 -31.22 -12.63 12.19
CA PRO B 8 -30.56 -12.89 13.48
C PRO B 8 -29.16 -12.30 13.64
N LYS B 9 -28.85 -11.90 14.87
CA LYS B 9 -27.55 -11.32 15.19
C LYS B 9 -26.66 -12.34 15.89
N THR B 10 -27.17 -12.89 17.00
CA THR B 10 -26.44 -13.87 17.80
C THR B 10 -26.46 -15.30 17.25
N LEU B 11 -25.45 -16.07 17.62
CA LEU B 11 -25.35 -17.45 17.19
C LEU B 11 -26.51 -18.24 17.77
N ASP B 12 -27.17 -17.65 18.75
CA ASP B 12 -28.32 -18.30 19.37
C ASP B 12 -29.53 -18.09 18.49
N GLU B 13 -29.83 -16.84 18.17
CA GLU B 13 -30.98 -16.51 17.32
C GLU B 13 -30.98 -17.21 15.95
N TYR B 14 -29.85 -17.80 15.56
CA TYR B 14 -29.71 -18.48 14.27
C TYR B 14 -30.53 -19.77 14.22
N ILE B 15 -31.62 -19.76 13.47
CA ILE B 15 -32.48 -20.93 13.37
C ILE B 15 -31.80 -22.11 12.73
N GLY B 16 -31.56 -23.15 13.52
CA GLY B 16 -30.96 -24.37 13.02
C GLY B 16 -29.45 -24.53 12.90
N GLN B 17 -29.03 -25.63 12.28
CA GLN B 17 -27.62 -25.97 12.07
C GLN B 17 -26.90 -26.11 13.39
N GLU B 18 -27.50 -26.87 14.29
CA GLU B 18 -26.96 -27.06 15.62
C GLU B 18 -25.51 -27.54 15.66
N ARG B 19 -25.24 -28.72 15.12
CA ARG B 19 -23.87 -29.23 15.14
C ARG B 19 -22.92 -28.11 14.85
N LEU B 20 -23.11 -27.44 13.71
CA LEU B 20 -22.24 -26.35 13.32
C LEU B 20 -22.20 -25.25 14.35
N LYS B 21 -23.35 -24.82 14.84
CA LYS B 21 -23.38 -23.77 15.84
C LYS B 21 -22.49 -24.18 17.00
N GLN B 22 -22.68 -25.41 17.47
CA GLN B 22 -21.86 -25.91 18.57
C GLN B 22 -20.41 -25.81 18.17
N LYS B 23 -20.04 -26.51 17.10
CA LYS B 23 -18.67 -26.48 16.62
C LYS B 23 -18.12 -25.05 16.58
N LEU B 24 -18.88 -24.12 16.03
CA LEU B 24 -18.42 -22.73 15.98
C LEU B 24 -18.28 -22.17 17.39
N ARG B 25 -19.30 -22.36 18.21
CA ARG B 25 -19.28 -21.89 19.59
C ARG B 25 -17.92 -22.23 20.21
N VAL B 26 -17.48 -23.48 20.03
CA VAL B 26 -16.21 -23.91 20.58
C VAL B 26 -15.01 -23.15 20.05
N TYR B 27 -15.01 -22.86 18.74
CA TYR B 27 -13.92 -22.12 18.14
C TYR B 27 -13.95 -20.66 18.52
N LEU B 28 -15.14 -20.14 18.75
CA LEU B 28 -15.28 -18.76 19.19
C LEU B 28 -14.81 -18.58 20.62
N GLU B 29 -15.73 -18.88 21.57
CA GLU B 29 -15.43 -18.69 22.98
C GLU B 29 -13.95 -18.98 23.27
N ALA B 30 -13.53 -20.18 22.86
CA ALA B 30 -12.13 -20.55 23.02
C ALA B 30 -11.21 -19.43 22.54
N ALA B 31 -11.70 -18.67 21.56
CA ALA B 31 -10.85 -17.68 20.90
C ALA B 31 -11.09 -16.25 21.40
N LYS B 32 -12.35 -15.98 21.77
CA LYS B 32 -12.60 -14.70 22.46
C LYS B 32 -11.77 -14.66 23.72
N ALA B 33 -11.46 -15.85 24.22
CA ALA B 33 -10.66 -16.00 25.42
C ALA B 33 -9.23 -15.51 25.18
N ARG B 34 -8.66 -15.80 24.01
CA ARG B 34 -7.30 -15.32 23.74
C ARG B 34 -7.30 -14.08 22.82
N LYS B 35 -6.73 -14.24 21.63
CA LYS B 35 -6.67 -13.19 20.63
C LYS B 35 -7.97 -13.19 19.84
N GLU B 36 -8.31 -12.06 19.22
CA GLU B 36 -9.57 -11.97 18.47
C GLU B 36 -9.56 -12.37 16.98
N PRO B 37 -8.75 -13.35 16.59
CA PRO B 37 -8.81 -13.67 15.16
C PRO B 37 -9.17 -15.13 14.90
N LEU B 38 -10.46 -15.40 14.80
CA LEU B 38 -10.96 -16.74 14.53
C LEU B 38 -10.23 -17.36 13.34
N GLU B 39 -9.65 -18.54 13.51
CA GLU B 39 -8.94 -19.18 12.39
C GLU B 39 -9.72 -19.07 11.08
N HIS B 40 -9.03 -19.27 9.95
CA HIS B 40 -9.69 -19.14 8.67
C HIS B 40 -10.72 -20.23 8.42
N LEU B 41 -11.97 -19.87 8.67
CA LEU B 41 -13.10 -20.74 8.51
C LEU B 41 -13.53 -20.90 7.04
N LEU B 42 -13.96 -22.11 6.68
CA LEU B 42 -14.40 -22.40 5.31
C LEU B 42 -15.68 -23.20 5.38
N LEU B 43 -16.80 -22.56 5.05
CA LEU B 43 -18.08 -23.25 5.08
C LEU B 43 -18.43 -23.90 3.74
N PHE B 44 -18.71 -25.20 3.81
CA PHE B 44 -19.12 -25.94 2.64
C PHE B 44 -20.61 -26.07 2.83
N GLY B 45 -21.37 -25.98 1.74
CA GLY B 45 -22.80 -26.10 1.92
C GLY B 45 -23.54 -26.44 0.65
N PRO B 46 -24.78 -26.96 0.76
CA PRO B 46 -25.60 -27.34 -0.39
C PRO B 46 -26.09 -26.07 -1.09
N PRO B 47 -26.14 -26.10 -2.43
CA PRO B 47 -26.59 -24.92 -3.15
C PRO B 47 -27.92 -24.42 -2.64
N GLY B 48 -27.88 -23.34 -1.88
CA GLY B 48 -29.12 -22.79 -1.37
C GLY B 48 -29.11 -22.37 0.09
N LEU B 49 -27.99 -22.43 0.78
CA LEU B 49 -28.03 -22.01 2.18
C LEU B 49 -27.38 -20.68 2.51
N GLY B 50 -28.14 -19.86 3.22
CA GLY B 50 -27.68 -18.54 3.61
C GLY B 50 -26.44 -18.58 4.48
N LYS B 51 -25.28 -18.76 3.86
CA LYS B 51 -24.03 -18.80 4.60
C LYS B 51 -23.67 -17.40 5.12
N THR B 52 -23.94 -16.38 4.32
CA THR B 52 -23.65 -14.99 4.69
C THR B 52 -24.16 -14.70 6.09
N THR B 53 -25.43 -15.01 6.31
CA THR B 53 -26.09 -14.80 7.61
C THR B 53 -25.23 -15.31 8.76
N LEU B 54 -24.86 -16.58 8.67
CA LEU B 54 -24.04 -17.21 9.68
C LEU B 54 -22.78 -16.39 9.87
N ALA B 55 -22.28 -15.82 8.78
CA ALA B 55 -21.06 -15.00 8.78
C ALA B 55 -21.29 -13.75 9.60
N HIS B 56 -22.46 -13.14 9.41
CA HIS B 56 -22.79 -11.95 10.15
C HIS B 56 -22.80 -12.34 11.61
N VAL B 57 -23.39 -13.48 11.92
CA VAL B 57 -23.43 -13.98 13.29
C VAL B 57 -22.01 -14.16 13.86
N ILE B 58 -21.28 -15.12 13.26
CA ILE B 58 -19.90 -15.41 13.65
C ILE B 58 -19.15 -14.11 13.83
N ALA B 59 -19.51 -13.11 13.03
CA ALA B 59 -18.87 -11.81 13.11
C ALA B 59 -19.37 -11.11 14.37
N HIS B 60 -20.68 -11.12 14.56
CA HIS B 60 -21.28 -10.47 15.71
C HIS B 60 -20.80 -11.13 17.00
N GLU B 61 -20.78 -12.45 17.02
CA GLU B 61 -20.32 -13.14 18.22
C GLU B 61 -18.94 -12.59 18.57
N LEU B 62 -17.99 -12.80 17.67
CA LEU B 62 -16.63 -12.32 17.87
C LEU B 62 -16.60 -10.83 18.19
N GLY B 63 -17.68 -10.13 17.84
CA GLY B 63 -17.72 -8.70 18.08
C GLY B 63 -16.75 -7.95 17.18
N VAL B 64 -17.02 -7.98 15.89
CA VAL B 64 -16.16 -7.31 14.93
C VAL B 64 -16.85 -7.13 13.59
N ASN B 65 -16.25 -6.30 12.74
CA ASN B 65 -16.83 -6.03 11.44
C ASN B 65 -16.74 -7.19 10.47
N LEU B 66 -17.58 -7.12 9.45
CA LEU B 66 -17.65 -8.13 8.42
C LEU B 66 -17.77 -7.52 7.03
N ARG B 67 -16.75 -7.75 6.21
CA ARG B 67 -16.71 -7.24 4.85
C ARG B 67 -17.05 -8.39 3.89
N VAL B 68 -18.29 -8.38 3.41
CA VAL B 68 -18.81 -9.41 2.49
C VAL B 68 -18.49 -9.14 1.03
N THR B 69 -18.29 -10.22 0.27
CA THR B 69 -17.95 -10.12 -1.13
C THR B 69 -18.06 -11.49 -1.79
N SER B 70 -18.18 -11.51 -3.11
CA SER B 70 -18.29 -12.75 -3.87
C SER B 70 -16.98 -13.15 -4.48
N GLY B 71 -16.96 -14.33 -5.09
CA GLY B 71 -15.78 -14.84 -5.74
C GLY B 71 -15.56 -14.11 -7.04
N PRO B 72 -16.62 -13.91 -7.84
CA PRO B 72 -16.47 -13.19 -9.11
C PRO B 72 -16.22 -11.72 -8.79
N ALA B 73 -16.66 -11.31 -7.61
CA ALA B 73 -16.51 -9.93 -7.13
C ALA B 73 -15.06 -9.45 -7.05
N ILE B 74 -14.14 -10.36 -6.74
CA ILE B 74 -12.73 -10.00 -6.67
C ILE B 74 -12.13 -10.45 -7.99
N GLU B 75 -12.11 -9.54 -8.95
CA GLU B 75 -11.58 -9.82 -10.27
C GLU B 75 -10.11 -9.47 -10.35
N LYS B 76 -9.84 -8.17 -10.25
CA LYS B 76 -8.47 -7.69 -10.29
C LYS B 76 -7.96 -7.70 -8.85
N PRO B 77 -6.79 -8.33 -8.63
CA PRO B 77 -6.13 -8.45 -7.33
C PRO B 77 -6.31 -7.20 -6.49
N GLY B 78 -6.06 -6.06 -7.13
CA GLY B 78 -6.20 -4.79 -6.44
C GLY B 78 -7.40 -4.82 -5.52
N ASP B 79 -8.56 -5.17 -6.07
CA ASP B 79 -9.77 -5.21 -5.27
C ASP B 79 -9.52 -5.98 -3.99
N LEU B 80 -8.87 -7.14 -4.12
CA LEU B 80 -8.58 -7.95 -2.94
C LEU B 80 -7.66 -7.18 -2.02
N ALA B 81 -6.54 -6.72 -2.56
CA ALA B 81 -5.60 -5.95 -1.77
C ALA B 81 -6.35 -4.80 -1.09
N ALA B 82 -6.89 -3.89 -1.91
CA ALA B 82 -7.63 -2.73 -1.40
C ALA B 82 -8.55 -3.06 -0.23
N ILE B 83 -9.04 -4.29 -0.17
CA ILE B 83 -9.93 -4.69 0.91
C ILE B 83 -9.15 -5.09 2.15
N LEU B 84 -8.20 -6.00 1.95
CA LEU B 84 -7.36 -6.49 3.03
C LEU B 84 -6.53 -5.36 3.59
N ALA B 85 -5.89 -4.62 2.69
CA ALA B 85 -5.03 -3.50 3.07
C ALA B 85 -5.72 -2.31 3.69
N ASN B 86 -6.88 -1.95 3.16
CA ASN B 86 -7.60 -0.78 3.66
C ASN B 86 -8.88 -1.03 4.47
N SER B 87 -9.92 -1.54 3.82
CA SER B 87 -11.19 -1.80 4.51
C SER B 87 -11.18 -2.66 5.80
N LEU B 88 -10.27 -3.63 5.87
CA LEU B 88 -10.18 -4.54 7.02
C LEU B 88 -9.45 -4.11 8.28
N GLU B 89 -10.20 -3.87 9.36
CA GLU B 89 -9.63 -3.50 10.64
C GLU B 89 -9.16 -4.83 11.25
N GLU B 90 -8.01 -4.85 11.91
CA GLU B 90 -7.50 -6.10 12.48
C GLU B 90 -8.51 -6.84 13.37
N GLY B 91 -8.75 -8.10 13.03
CA GLY B 91 -9.71 -8.91 13.77
C GLY B 91 -10.96 -9.12 12.94
N ASP B 92 -11.15 -8.22 11.97
CA ASP B 92 -12.31 -8.26 11.09
C ASP B 92 -12.41 -9.51 10.25
N ILE B 93 -13.56 -9.66 9.62
CA ILE B 93 -13.83 -10.81 8.80
C ILE B 93 -14.11 -10.51 7.35
N LEU B 94 -13.28 -11.03 6.44
CA LEU B 94 -13.49 -10.83 5.02
C LEU B 94 -14.20 -12.08 4.56
N PHE B 95 -15.41 -11.91 4.03
CA PHE B 95 -16.21 -13.04 3.62
C PHE B 95 -16.23 -13.27 2.12
N ILE B 96 -15.34 -14.12 1.62
CA ILE B 96 -15.31 -14.38 0.17
C ILE B 96 -16.31 -15.49 -0.20
N ASP B 97 -17.56 -15.11 -0.40
CA ASP B 97 -18.59 -16.07 -0.80
C ASP B 97 -18.23 -16.64 -2.17
N GLU B 98 -18.90 -17.70 -2.60
CA GLU B 98 -18.61 -18.30 -3.91
C GLU B 98 -17.11 -18.37 -4.12
N ILE B 99 -16.35 -18.53 -3.03
CA ILE B 99 -14.88 -18.52 -3.12
C ILE B 99 -14.15 -19.38 -4.15
N HIS B 100 -14.77 -20.40 -4.71
CA HIS B 100 -14.09 -21.20 -5.71
C HIS B 100 -13.98 -20.47 -7.06
N ARG B 101 -14.88 -19.54 -7.28
CA ARG B 101 -14.88 -18.74 -8.51
C ARG B 101 -14.02 -17.53 -8.19
N LEU B 102 -12.74 -17.76 -7.93
CA LEU B 102 -11.81 -16.71 -7.57
C LEU B 102 -10.69 -16.59 -8.59
N SER B 103 -10.47 -15.37 -9.09
CA SER B 103 -9.43 -15.10 -10.10
C SER B 103 -8.14 -15.87 -9.84
N ARG B 104 -7.66 -16.61 -10.85
CA ARG B 104 -6.42 -17.38 -10.70
C ARG B 104 -5.38 -16.57 -9.93
N GLN B 105 -5.26 -15.29 -10.28
CA GLN B 105 -4.33 -14.36 -9.66
C GLN B 105 -4.84 -13.90 -8.29
N ALA B 106 -6.11 -13.49 -8.25
CA ALA B 106 -6.73 -13.02 -7.01
C ALA B 106 -6.63 -14.09 -5.94
N GLU B 107 -6.47 -15.34 -6.38
CA GLU B 107 -6.34 -16.44 -5.44
C GLU B 107 -4.90 -16.40 -4.97
N GLU B 108 -4.00 -16.46 -5.94
CA GLU B 108 -2.57 -16.44 -5.64
C GLU B 108 -2.20 -15.34 -4.67
N HIS B 109 -3.07 -14.34 -4.56
CA HIS B 109 -2.83 -13.26 -3.62
C HIS B 109 -3.45 -13.57 -2.29
N LEU B 110 -4.57 -14.27 -2.31
CA LEU B 110 -5.20 -14.61 -1.07
C LEU B 110 -4.28 -15.48 -0.23
N TYR B 111 -3.56 -16.39 -0.89
CA TYR B 111 -2.62 -17.31 -0.23
C TYR B 111 -1.78 -16.60 0.81
N PRO B 112 -0.86 -15.74 0.36
CA PRO B 112 0.01 -15.00 1.27
C PRO B 112 -0.71 -14.31 2.42
N ALA B 113 -1.74 -13.55 2.10
CA ALA B 113 -2.51 -12.81 3.10
C ALA B 113 -3.09 -13.71 4.18
N MET B 114 -3.61 -14.87 3.78
CA MET B 114 -4.18 -15.81 4.73
C MET B 114 -3.12 -16.45 5.58
N GLU B 115 -2.01 -16.82 4.95
CA GLU B 115 -0.91 -17.50 5.62
C GLU B 115 -0.12 -16.65 6.60
N ASP B 116 0.55 -15.60 6.11
CA ASP B 116 1.37 -14.74 6.97
C ASP B 116 0.89 -13.31 7.04
N PHE B 117 -0.37 -13.05 6.69
CA PHE B 117 -0.91 -11.69 6.70
C PHE B 117 0.10 -10.76 6.02
N VAL B 118 0.46 -11.15 4.83
CA VAL B 118 1.44 -10.44 4.06
C VAL B 118 1.14 -10.64 2.61
N MET B 119 1.58 -9.71 1.77
CA MET B 119 1.36 -9.81 0.33
C MET B 119 2.24 -8.87 -0.46
N ASP B 120 2.90 -9.42 -1.47
CA ASP B 120 3.77 -8.61 -2.30
C ASP B 120 2.97 -7.94 -3.42
N ILE B 121 2.98 -6.62 -3.38
CA ILE B 121 2.31 -5.80 -4.37
C ILE B 121 3.43 -5.43 -5.34
N VAL B 122 3.14 -5.48 -6.63
CA VAL B 122 4.14 -5.12 -7.61
C VAL B 122 3.72 -3.78 -8.20
N ILE B 123 4.50 -2.75 -7.91
CA ILE B 123 4.17 -1.44 -8.43
C ILE B 123 5.06 -1.06 -9.62
N GLY B 124 4.45 -0.98 -10.80
CA GLY B 124 5.17 -0.63 -12.00
C GLY B 124 4.78 -1.44 -13.23
N GLN B 125 5.59 -1.32 -14.28
CA GLN B 125 5.39 -1.98 -15.59
C GLN B 125 5.66 -3.48 -15.51
N GLY B 126 6.83 -3.88 -16.05
CA GLY B 126 7.14 -5.30 -16.10
C GLY B 126 8.42 -5.64 -15.34
N PRO B 127 9.36 -6.25 -16.07
CA PRO B 127 10.62 -6.71 -15.49
C PRO B 127 11.31 -5.64 -14.63
N ALA B 128 11.05 -4.37 -14.99
CA ALA B 128 11.78 -3.28 -14.33
C ALA B 128 10.90 -2.47 -13.37
N ALA B 129 10.41 -3.15 -12.32
CA ALA B 129 9.53 -2.48 -11.37
C ALA B 129 9.96 -2.73 -9.92
N ARG B 130 9.20 -2.09 -9.02
CA ARG B 130 9.41 -2.17 -7.56
C ARG B 130 8.36 -3.14 -6.98
N THR B 131 8.48 -3.48 -5.70
CA THR B 131 7.51 -4.39 -5.09
C THR B 131 7.27 -4.24 -3.59
N ILE B 132 6.89 -3.06 -3.11
CA ILE B 132 6.65 -2.91 -1.68
C ILE B 132 5.81 -4.08 -1.18
N ARG B 133 6.15 -4.61 -0.01
CA ARG B 133 5.40 -5.73 0.55
C ARG B 133 4.59 -5.20 1.69
N LEU B 134 3.28 -5.40 1.66
CA LEU B 134 2.46 -4.90 2.73
C LEU B 134 1.99 -5.97 3.70
N GLU B 135 2.15 -5.67 4.99
CA GLU B 135 1.75 -6.57 6.07
C GLU B 135 0.33 -6.14 6.40
N LEU B 136 -0.59 -7.10 6.40
CA LEU B 136 -1.99 -6.84 6.64
C LEU B 136 -2.36 -7.03 8.07
N PRO B 137 -3.53 -6.51 8.46
CA PRO B 137 -3.91 -6.69 9.85
C PRO B 137 -4.26 -8.16 10.01
N ARG B 138 -4.29 -8.65 11.26
CA ARG B 138 -4.63 -10.04 11.50
C ARG B 138 -6.14 -10.14 11.39
N PHE B 139 -6.60 -10.53 10.21
CA PHE B 139 -8.02 -10.68 9.96
C PHE B 139 -8.29 -12.17 9.86
N THR B 140 -9.56 -12.52 9.78
CA THR B 140 -9.94 -13.92 9.64
C THR B 140 -10.76 -13.88 8.37
N LEU B 141 -10.57 -14.88 7.53
CA LEU B 141 -11.31 -14.91 6.28
C LEU B 141 -12.25 -16.09 6.37
N ILE B 142 -13.49 -15.91 5.92
CA ILE B 142 -14.43 -17.00 5.93
C ILE B 142 -14.76 -17.28 4.48
N GLY B 143 -14.45 -18.47 4.02
CA GLY B 143 -14.74 -18.80 2.63
C GLY B 143 -15.95 -19.70 2.55
N ALA B 144 -16.88 -19.38 1.67
CA ALA B 144 -18.09 -20.17 1.50
C ALA B 144 -18.16 -20.78 0.12
N THR B 145 -18.79 -21.95 0.02
CA THR B 145 -18.90 -22.56 -1.29
C THR B 145 -20.17 -23.33 -1.54
N THR B 146 -20.71 -23.06 -2.71
CA THR B 146 -21.92 -23.66 -3.23
C THR B 146 -21.52 -25.02 -3.76
N ARG B 147 -20.46 -25.05 -4.54
CA ARG B 147 -19.94 -26.27 -5.14
C ARG B 147 -18.53 -26.52 -4.60
N PRO B 148 -18.40 -26.61 -3.27
CA PRO B 148 -17.11 -26.80 -2.59
C PRO B 148 -16.54 -28.20 -2.87
N GLY B 149 -17.03 -28.82 -3.97
CA GLY B 149 -16.56 -30.16 -4.32
C GLY B 149 -15.02 -30.22 -4.35
N LEU B 150 -14.43 -29.84 -3.21
CA LEU B 150 -12.97 -29.69 -3.16
C LEU B 150 -12.43 -29.18 -4.50
N ILE B 151 -13.31 -28.43 -5.20
CA ILE B 151 -12.90 -27.77 -6.43
C ILE B 151 -12.20 -26.45 -6.15
N THR B 152 -11.82 -26.38 -4.86
CA THR B 152 -10.89 -25.38 -4.36
C THR B 152 -9.52 -26.05 -4.04
N ALA B 153 -8.42 -25.49 -4.63
CA ALA B 153 -7.15 -26.23 -4.76
C ALA B 153 -6.33 -26.36 -3.44
N PRO B 154 -5.15 -25.69 -3.32
CA PRO B 154 -4.47 -25.90 -2.04
C PRO B 154 -4.84 -24.68 -1.21
N LEU B 155 -5.84 -23.96 -1.70
CA LEU B 155 -6.39 -22.79 -1.04
C LEU B 155 -7.03 -23.40 0.22
N LEU B 156 -7.38 -24.67 0.11
CA LEU B 156 -7.99 -25.38 1.22
C LEU B 156 -6.98 -25.42 2.35
N SER B 157 -5.77 -25.82 2.00
CA SER B 157 -4.67 -25.93 2.92
C SER B 157 -4.64 -24.82 3.96
N ARG B 158 -4.81 -23.59 3.50
CA ARG B 158 -4.74 -22.43 4.40
C ARG B 158 -5.99 -22.10 5.21
N PHE B 159 -6.87 -23.07 5.39
CA PHE B 159 -8.08 -22.85 6.18
C PHE B 159 -8.05 -23.57 7.53
N GLY B 160 -8.32 -22.83 8.60
CA GLY B 160 -8.33 -23.40 9.93
C GLY B 160 -9.55 -24.27 10.17
N ILE B 161 -10.73 -23.66 10.20
CA ILE B 161 -11.98 -24.39 10.41
C ILE B 161 -12.58 -24.75 9.06
N VAL B 162 -13.19 -25.91 8.95
CA VAL B 162 -13.81 -26.27 7.69
C VAL B 162 -14.99 -27.16 8.03
N GLU B 163 -16.16 -26.53 8.09
CA GLU B 163 -17.38 -27.25 8.39
C GLU B 163 -18.34 -27.24 7.21
N HIS B 164 -19.42 -28.00 7.36
CA HIS B 164 -20.43 -28.15 6.32
C HIS B 164 -21.79 -27.74 6.89
N LEU B 165 -22.71 -27.38 6.00
CA LEU B 165 -24.05 -26.99 6.43
C LEU B 165 -25.01 -28.08 5.98
N GLU B 166 -25.91 -28.47 6.89
CA GLU B 166 -26.88 -29.49 6.57
C GLU B 166 -28.23 -28.84 6.29
N TYR B 167 -29.06 -29.52 5.53
CA TYR B 167 -30.39 -29.04 5.21
C TYR B 167 -31.15 -28.83 6.50
N TYR B 168 -32.05 -27.84 6.52
CA TYR B 168 -32.83 -27.61 7.72
C TYR B 168 -33.98 -28.62 7.81
N THR B 169 -34.40 -28.90 9.03
CA THR B 169 -35.49 -29.83 9.25
C THR B 169 -36.78 -29.06 9.05
N PRO B 170 -37.81 -29.69 8.50
CA PRO B 170 -39.07 -28.99 8.29
C PRO B 170 -39.45 -28.13 9.48
N GLU B 171 -39.21 -28.66 10.69
CA GLU B 171 -39.51 -27.93 11.91
C GLU B 171 -38.65 -26.67 11.98
N GLU B 172 -37.34 -26.84 11.80
CA GLU B 172 -36.42 -25.70 11.83
C GLU B 172 -36.97 -24.68 10.85
N LEU B 173 -37.37 -25.17 9.68
CA LEU B 173 -37.92 -24.29 8.66
C LEU B 173 -39.16 -23.58 9.17
N ALA B 174 -40.12 -24.36 9.64
CA ALA B 174 -41.36 -23.80 10.19
C ALA B 174 -40.97 -22.77 11.24
N GLN B 175 -40.20 -23.22 12.21
CA GLN B 175 -39.74 -22.37 13.29
C GLN B 175 -39.29 -21.05 12.66
N GLY B 176 -38.75 -21.14 11.46
CA GLY B 176 -38.28 -19.96 10.76
C GLY B 176 -39.37 -19.26 9.98
N VAL B 177 -40.23 -20.04 9.34
CA VAL B 177 -41.33 -19.48 8.58
C VAL B 177 -42.22 -18.69 9.54
N MET B 178 -42.48 -19.27 10.71
CA MET B 178 -43.32 -18.65 11.72
C MET B 178 -42.62 -17.49 12.43
N ARG B 179 -41.36 -17.70 12.80
CA ARG B 179 -40.58 -16.65 13.45
C ARG B 179 -40.42 -15.48 12.48
N ASP B 180 -40.15 -15.79 11.21
CA ASP B 180 -40.00 -14.77 10.19
C ASP B 180 -41.35 -14.17 9.84
N ALA B 181 -42.38 -15.03 9.84
CA ALA B 181 -43.72 -14.58 9.50
C ALA B 181 -44.30 -13.61 10.51
N ARG B 182 -44.83 -14.16 11.60
CA ARG B 182 -45.55 -13.46 12.65
C ARG B 182 -44.99 -12.05 12.90
N LEU B 183 -43.66 -11.99 13.10
CA LEU B 183 -43.03 -10.69 13.34
C LEU B 183 -43.13 -9.78 12.10
N LEU B 184 -43.39 -10.42 10.95
CA LEU B 184 -43.43 -9.66 9.70
C LEU B 184 -44.84 -9.09 9.44
N GLY B 185 -45.82 -9.59 10.21
CA GLY B 185 -47.20 -9.14 10.03
C GLY B 185 -48.17 -10.27 10.29
N VAL B 186 -48.64 -10.89 9.21
CA VAL B 186 -49.59 -11.99 9.30
C VAL B 186 -49.17 -13.06 10.29
N ARG B 187 -50.11 -13.49 11.13
CA ARG B 187 -49.84 -14.53 12.10
C ARG B 187 -50.41 -15.81 11.50
N ILE B 188 -49.85 -16.95 11.87
CA ILE B 188 -50.30 -18.25 11.35
C ILE B 188 -50.15 -19.29 12.45
N THR B 189 -50.80 -20.44 12.28
CA THR B 189 -50.66 -21.51 13.26
C THR B 189 -49.39 -22.26 12.89
N GLU B 190 -48.79 -22.94 13.87
CA GLU B 190 -47.56 -23.67 13.60
C GLU B 190 -47.79 -24.78 12.59
N GLU B 191 -48.88 -25.52 12.76
CA GLU B 191 -49.19 -26.62 11.85
C GLU B 191 -49.14 -26.12 10.41
N ALA B 192 -49.66 -24.91 10.19
CA ALA B 192 -49.67 -24.31 8.88
C ALA B 192 -48.25 -24.13 8.41
N ALA B 193 -47.51 -23.28 9.12
CA ALA B 193 -46.12 -23.03 8.78
C ALA B 193 -45.41 -24.34 8.52
N LEU B 194 -45.45 -25.24 9.51
CA LEU B 194 -44.79 -26.53 9.40
C LEU B 194 -45.27 -27.35 8.21
N GLU B 195 -46.41 -27.01 7.66
CA GLU B 195 -46.89 -27.75 6.50
C GLU B 195 -46.22 -27.16 5.29
N ILE B 196 -45.74 -25.92 5.45
CA ILE B 196 -45.03 -25.20 4.41
C ILE B 196 -43.58 -25.62 4.49
N GLY B 197 -43.11 -25.88 5.72
CA GLY B 197 -41.75 -26.31 5.92
C GLY B 197 -41.58 -27.62 5.18
N ARG B 198 -42.38 -28.61 5.57
CA ARG B 198 -42.34 -29.92 4.95
C ARG B 198 -42.30 -29.77 3.43
N ARG B 199 -43.18 -28.91 2.91
CA ARG B 199 -43.26 -28.66 1.49
C ARG B 199 -42.01 -28.00 0.96
N SER B 200 -41.35 -27.20 1.79
CA SER B 200 -40.13 -26.54 1.37
C SER B 200 -39.13 -27.63 0.99
N ARG B 201 -37.85 -27.28 0.89
CA ARG B 201 -36.87 -28.31 0.50
C ARG B 201 -35.61 -28.28 1.33
N GLY B 202 -35.80 -28.34 2.65
CA GLY B 202 -34.68 -28.32 3.57
C GLY B 202 -34.03 -26.95 3.52
N THR B 203 -34.39 -26.20 2.50
CA THR B 203 -33.84 -24.88 2.31
C THR B 203 -34.63 -23.84 3.06
N MET B 204 -33.95 -22.94 3.72
CA MET B 204 -34.58 -21.86 4.49
C MET B 204 -34.96 -20.81 3.47
N ARG B 205 -34.08 -20.62 2.50
CA ARG B 205 -34.28 -19.67 1.43
C ARG B 205 -35.65 -19.93 0.81
N VAL B 206 -35.88 -21.19 0.42
CA VAL B 206 -37.13 -21.60 -0.18
C VAL B 206 -38.28 -21.61 0.81
N ALA B 207 -38.00 -22.00 2.04
CA ALA B 207 -39.03 -22.06 3.07
C ALA B 207 -39.80 -20.76 3.12
N LYS B 208 -39.08 -19.66 3.28
CA LYS B 208 -39.69 -18.34 3.35
C LYS B 208 -40.20 -17.88 1.97
N ARG B 209 -39.51 -18.30 0.92
CA ARG B 209 -39.86 -17.92 -0.44
C ARG B 209 -41.15 -18.62 -0.91
N LEU B 210 -41.52 -19.71 -0.24
CA LEU B 210 -42.74 -20.43 -0.57
C LEU B 210 -43.83 -19.74 0.20
N PHE B 211 -43.60 -19.63 1.51
CA PHE B 211 -44.50 -18.99 2.43
C PHE B 211 -45.00 -17.68 1.85
N ARG B 212 -44.22 -17.12 0.92
CA ARG B 212 -44.58 -15.87 0.27
C ARG B 212 -45.71 -16.05 -0.73
N ARG B 213 -45.82 -17.25 -1.31
CA ARG B 213 -46.88 -17.54 -2.26
C ARG B 213 -48.12 -18.10 -1.55
N VAL B 214 -48.03 -18.22 -0.23
CA VAL B 214 -49.13 -18.72 0.59
C VAL B 214 -49.82 -17.49 1.19
N ARG B 215 -49.09 -16.79 2.05
CA ARG B 215 -49.59 -15.56 2.69
C ARG B 215 -50.14 -14.56 1.66
N ASP B 216 -50.01 -14.95 0.37
CA ASP B 216 -50.45 -14.04 -0.68
C ASP B 216 -51.46 -14.71 -1.62
N PHE B 217 -52.21 -15.67 -1.05
CA PHE B 217 -53.14 -16.44 -1.89
C PHE B 217 -54.56 -16.47 -1.32
N ALA B 218 -54.78 -17.36 -0.33
CA ALA B 218 -56.10 -17.43 0.29
C ALA B 218 -56.86 -16.13 0.54
N GLN B 219 -56.24 -15.25 1.34
CA GLN B 219 -56.73 -13.88 1.50
C GLN B 219 -55.59 -13.11 2.15
N VAL B 220 -55.37 -11.88 1.67
CA VAL B 220 -54.28 -11.11 2.25
C VAL B 220 -54.09 -11.46 3.72
N ALA B 221 -52.89 -11.97 4.04
CA ALA B 221 -52.64 -12.26 5.45
C ALA B 221 -52.93 -11.03 6.30
N GLY B 222 -53.64 -11.27 7.42
CA GLY B 222 -53.93 -10.14 8.29
C GLY B 222 -55.13 -10.45 9.21
N GLU B 223 -56.29 -9.87 8.86
CA GLU B 223 -57.49 -10.12 9.65
C GLU B 223 -57.66 -11.60 9.98
N GLU B 224 -57.67 -12.44 8.95
CA GLU B 224 -57.85 -13.87 9.12
C GLU B 224 -56.52 -14.61 9.20
N VAL B 225 -56.43 -15.48 10.19
CA VAL B 225 -55.23 -16.27 10.42
C VAL B 225 -55.16 -17.41 9.41
N ILE B 226 -53.96 -17.96 9.20
CA ILE B 226 -53.75 -19.05 8.26
C ILE B 226 -53.55 -20.39 8.97
N THR B 227 -54.51 -21.30 8.84
CA THR B 227 -54.40 -22.62 9.45
C THR B 227 -53.86 -23.59 8.40
N ARG B 228 -53.60 -24.82 8.81
CA ARG B 228 -53.09 -25.81 7.86
C ARG B 228 -53.99 -25.79 6.62
N GLU B 229 -55.26 -26.10 6.82
CA GLU B 229 -56.22 -26.14 5.74
C GLU B 229 -56.06 -24.91 4.84
N ARG B 230 -55.97 -23.74 5.46
CA ARG B 230 -55.81 -22.50 4.70
C ARG B 230 -54.56 -22.67 3.86
N ALA B 231 -53.43 -22.81 4.54
CA ALA B 231 -52.15 -22.98 3.88
C ALA B 231 -52.26 -24.11 2.87
N LEU B 232 -52.79 -25.24 3.31
CA LEU B 232 -52.97 -26.40 2.45
C LEU B 232 -53.61 -26.03 1.12
N GLU B 233 -54.78 -25.40 1.21
CA GLU B 233 -55.49 -24.97 0.02
C GLU B 233 -54.51 -24.20 -0.83
N ALA B 234 -53.80 -23.27 -0.19
CA ALA B 234 -52.82 -22.44 -0.86
C ALA B 234 -51.80 -23.31 -1.60
N LEU B 235 -50.99 -24.04 -0.83
CA LEU B 235 -49.98 -24.92 -1.40
C LEU B 235 -50.67 -25.70 -2.51
N ALA B 236 -51.79 -26.30 -2.15
CA ALA B 236 -52.58 -27.07 -3.08
C ALA B 236 -52.69 -26.30 -4.39
N ALA B 237 -53.43 -25.20 -4.34
CA ALA B 237 -53.66 -24.37 -5.51
C ALA B 237 -52.38 -24.05 -6.27
N LEU B 238 -51.29 -23.83 -5.55
CA LEU B 238 -50.01 -23.48 -6.16
C LEU B 238 -49.32 -24.60 -6.94
N GLY B 239 -49.68 -25.85 -6.63
CA GLY B 239 -49.10 -26.99 -7.31
C GLY B 239 -47.96 -27.65 -6.53
N LEU B 240 -48.18 -27.81 -5.23
CA LEU B 240 -47.17 -28.42 -4.37
C LEU B 240 -47.63 -29.71 -3.71
N ASP B 241 -47.02 -30.83 -4.10
CA ASP B 241 -47.38 -32.09 -3.48
C ASP B 241 -46.71 -32.19 -2.12
N GLU B 242 -47.26 -33.03 -1.24
CA GLU B 242 -46.72 -33.21 0.09
C GLU B 242 -45.27 -33.74 0.04
N LEU B 243 -44.69 -33.68 -1.15
CA LEU B 243 -43.34 -34.12 -1.40
C LEU B 243 -42.50 -32.93 -1.91
N GLY B 244 -43.04 -31.73 -1.79
CA GLY B 244 -42.32 -30.54 -2.22
C GLY B 244 -42.21 -30.25 -3.70
N LEU B 245 -42.46 -31.24 -4.57
CA LEU B 245 -42.38 -31.00 -6.00
C LEU B 245 -43.30 -29.92 -6.53
N GLU B 246 -42.76 -29.12 -7.44
CA GLU B 246 -43.50 -28.05 -8.05
C GLU B 246 -44.21 -28.65 -9.24
N LYS B 247 -45.30 -28.01 -9.67
CA LYS B 247 -46.08 -28.45 -10.81
C LYS B 247 -45.21 -28.99 -11.95
N ARG B 248 -44.19 -28.21 -12.32
CA ARG B 248 -43.30 -28.58 -13.39
C ARG B 248 -42.52 -29.86 -13.05
N ASP B 249 -41.92 -29.90 -11.86
CA ASP B 249 -41.15 -31.06 -11.43
C ASP B 249 -41.94 -32.31 -11.80
N ARG B 250 -43.17 -32.35 -11.30
CA ARG B 250 -44.06 -33.47 -11.56
C ARG B 250 -44.07 -33.82 -13.04
N GLU B 251 -44.34 -32.82 -13.87
CA GLU B 251 -44.41 -33.00 -15.31
C GLU B 251 -43.15 -33.62 -15.89
N ILE B 252 -42.00 -33.24 -15.36
CA ILE B 252 -40.75 -33.78 -15.87
C ILE B 252 -40.80 -35.29 -15.71
N LEU B 253 -41.05 -35.73 -14.48
CA LEU B 253 -41.15 -37.17 -14.21
C LEU B 253 -42.24 -37.72 -15.13
N GLU B 254 -43.38 -37.04 -15.13
CA GLU B 254 -44.53 -37.41 -15.95
C GLU B 254 -44.02 -37.78 -17.35
N VAL B 255 -43.46 -36.80 -18.04
CA VAL B 255 -42.94 -37.01 -19.39
C VAL B 255 -41.94 -38.14 -19.39
N LEU B 256 -41.03 -38.12 -18.42
CA LEU B 256 -40.03 -39.16 -18.34
C LEU B 256 -40.75 -40.51 -18.39
N ILE B 257 -41.66 -40.70 -17.43
CA ILE B 257 -42.45 -41.93 -17.27
C ILE B 257 -43.27 -42.35 -18.47
N LEU B 258 -44.00 -41.40 -19.03
CA LEU B 258 -44.87 -41.63 -20.16
C LEU B 258 -44.19 -41.49 -21.52
N ARG B 259 -43.68 -40.30 -21.80
CA ARG B 259 -43.02 -40.02 -23.08
C ARG B 259 -41.89 -40.96 -23.45
N PHE B 260 -41.00 -41.25 -22.51
CA PHE B 260 -39.89 -42.15 -22.81
C PHE B 260 -39.98 -43.42 -22.01
N GLY B 261 -41.13 -43.59 -21.35
CA GLY B 261 -41.38 -44.78 -20.56
C GLY B 261 -40.37 -44.94 -19.45
N GLY B 262 -39.96 -43.80 -18.90
CA GLY B 262 -38.99 -43.81 -17.82
C GLY B 262 -37.65 -44.31 -18.33
N GLY B 263 -37.69 -45.41 -19.09
CA GLY B 263 -36.48 -45.98 -19.64
C GLY B 263 -35.51 -44.89 -20.05
N PRO B 264 -34.23 -45.02 -19.66
CA PRO B 264 -33.14 -44.09 -19.94
C PRO B 264 -33.28 -43.15 -21.15
N VAL B 265 -32.69 -41.96 -21.04
CA VAL B 265 -32.70 -40.95 -22.10
C VAL B 265 -31.81 -39.75 -21.76
N GLY B 266 -30.72 -39.59 -22.51
CA GLY B 266 -29.82 -38.48 -22.27
C GLY B 266 -30.57 -37.17 -22.18
N LEU B 267 -30.23 -36.36 -21.18
CA LEU B 267 -30.84 -35.05 -20.94
C LEU B 267 -31.21 -34.36 -22.24
N ALA B 268 -30.43 -34.69 -23.27
CA ALA B 268 -30.61 -34.16 -24.60
C ALA B 268 -32.08 -34.01 -24.98
N THR B 269 -32.59 -35.09 -25.55
CA THR B 269 -33.96 -35.19 -26.02
C THR B 269 -35.04 -34.99 -24.98
N LEU B 270 -34.70 -35.20 -23.71
CA LEU B 270 -35.68 -35.00 -22.63
C LEU B 270 -36.00 -33.52 -22.58
N ALA B 271 -34.96 -32.71 -22.37
CA ALA B 271 -35.15 -31.26 -22.32
C ALA B 271 -35.85 -30.83 -23.59
N THR B 272 -35.40 -31.40 -24.71
CA THR B 272 -35.96 -31.09 -26.02
C THR B 272 -37.47 -31.33 -26.03
N ALA B 273 -37.87 -32.60 -26.04
CA ALA B 273 -39.27 -32.97 -26.05
C ALA B 273 -40.03 -32.37 -24.87
N LEU B 274 -39.41 -32.37 -23.69
CA LEU B 274 -40.01 -31.81 -22.49
C LEU B 274 -40.16 -30.30 -22.68
N SER B 275 -39.69 -29.83 -23.83
CA SER B 275 -39.73 -28.41 -24.19
C SER B 275 -39.22 -27.57 -23.04
N GLU B 276 -37.90 -27.59 -22.84
CA GLU B 276 -37.23 -26.84 -21.79
C GLU B 276 -35.73 -26.84 -22.06
N ASP B 277 -35.01 -25.92 -21.42
CA ASP B 277 -33.56 -25.85 -21.59
C ASP B 277 -32.83 -26.90 -20.79
N PRO B 278 -32.08 -27.77 -21.48
CA PRO B 278 -31.32 -28.85 -20.82
C PRO B 278 -30.68 -28.37 -19.53
N GLY B 279 -29.94 -27.28 -19.63
CA GLY B 279 -29.32 -26.74 -18.44
C GLY B 279 -30.36 -26.48 -17.36
N THR B 280 -31.43 -25.76 -17.71
CA THR B 280 -32.48 -25.45 -16.75
C THR B 280 -32.91 -26.75 -16.09
N LEU B 281 -33.30 -27.68 -16.95
CA LEU B 281 -33.74 -28.99 -16.52
C LEU B 281 -32.73 -29.57 -15.54
N GLU B 282 -31.51 -29.79 -16.05
CA GLU B 282 -30.37 -30.35 -15.31
C GLU B 282 -29.89 -29.56 -14.10
N GLU B 283 -29.92 -28.24 -14.23
CA GLU B 283 -29.45 -27.35 -13.17
C GLU B 283 -30.49 -26.93 -12.16
N VAL B 284 -31.74 -26.85 -12.57
CA VAL B 284 -32.76 -26.39 -11.65
C VAL B 284 -33.71 -27.40 -11.07
N HIS B 285 -34.26 -28.24 -11.95
CA HIS B 285 -35.24 -29.21 -11.52
C HIS B 285 -34.66 -30.54 -11.08
N GLU B 286 -33.83 -31.12 -11.93
CA GLU B 286 -33.20 -32.40 -11.64
C GLU B 286 -32.66 -32.58 -10.22
N PRO B 287 -32.00 -31.54 -9.67
CA PRO B 287 -31.46 -31.64 -8.31
C PRO B 287 -32.43 -32.26 -7.31
N TYR B 288 -33.38 -31.47 -6.84
CA TYR B 288 -34.37 -31.95 -5.87
C TYR B 288 -34.96 -33.29 -6.27
N LEU B 289 -35.16 -33.49 -7.56
CA LEU B 289 -35.72 -34.75 -8.02
C LEU B 289 -34.82 -35.88 -7.63
N ILE B 290 -33.53 -35.73 -7.89
CA ILE B 290 -32.58 -36.80 -7.57
C ILE B 290 -32.45 -36.93 -6.07
N ARG B 291 -32.44 -35.80 -5.37
CA ARG B 291 -32.31 -35.83 -3.91
C ARG B 291 -33.54 -36.49 -3.31
N GLN B 292 -34.70 -36.29 -3.93
CA GLN B 292 -35.93 -36.89 -3.44
C GLN B 292 -36.07 -38.31 -3.96
N GLY B 293 -34.99 -38.78 -4.58
CA GLY B 293 -34.93 -40.12 -5.13
C GLY B 293 -35.96 -40.43 -6.19
N LEU B 294 -36.42 -39.42 -6.92
CA LEU B 294 -37.41 -39.65 -7.97
C LEU B 294 -36.70 -39.82 -9.31
N LEU B 295 -35.72 -38.97 -9.57
CA LEU B 295 -34.94 -39.05 -10.80
C LEU B 295 -33.58 -39.71 -10.54
N LYS B 296 -32.94 -40.16 -11.61
CA LYS B 296 -31.63 -40.79 -11.51
C LYS B 296 -30.88 -40.63 -12.85
N ARG B 297 -29.61 -40.21 -12.76
CA ARG B 297 -28.77 -40.02 -13.95
C ARG B 297 -27.98 -41.30 -14.16
N THR B 298 -27.95 -41.79 -15.38
CA THR B 298 -27.19 -43.02 -15.66
C THR B 298 -26.45 -42.85 -16.97
N PRO B 299 -25.38 -43.63 -17.16
CA PRO B 299 -24.60 -43.55 -18.40
C PRO B 299 -25.51 -43.66 -19.63
N ARG B 300 -26.64 -44.34 -19.44
CA ARG B 300 -27.59 -44.55 -20.51
C ARG B 300 -28.54 -43.37 -20.72
N GLY B 301 -28.77 -42.61 -19.65
CA GLY B 301 -29.65 -41.45 -19.72
C GLY B 301 -30.46 -41.24 -18.45
N ARG B 302 -31.33 -40.24 -18.46
CA ARG B 302 -32.17 -39.96 -17.30
C ARG B 302 -33.23 -41.02 -17.14
N VAL B 303 -33.45 -41.45 -15.91
CA VAL B 303 -34.48 -42.45 -15.66
C VAL B 303 -35.19 -42.08 -14.36
N PRO B 304 -36.46 -42.51 -14.23
CA PRO B 304 -37.28 -42.25 -13.05
C PRO B 304 -37.24 -43.44 -12.10
N THR B 305 -37.07 -43.15 -10.82
CA THR B 305 -37.01 -44.19 -9.80
C THR B 305 -38.38 -44.85 -9.69
N GLU B 306 -38.45 -45.97 -8.99
CA GLU B 306 -39.73 -46.61 -8.80
C GLU B 306 -40.57 -45.52 -8.15
N LEU B 307 -40.07 -45.02 -7.03
CA LEU B 307 -40.74 -43.97 -6.25
C LEU B 307 -41.41 -42.92 -7.14
N ALA B 308 -40.83 -42.66 -8.31
CA ALA B 308 -41.39 -41.68 -9.23
C ALA B 308 -42.74 -42.23 -9.66
N TYR B 309 -42.70 -43.38 -10.32
CA TYR B 309 -43.91 -44.03 -10.76
C TYR B 309 -44.88 -44.09 -9.60
N ARG B 310 -44.43 -44.59 -8.48
CA ARG B 310 -45.28 -44.70 -7.31
C ARG B 310 -45.82 -43.34 -6.84
N HIS B 311 -45.06 -42.27 -7.05
CA HIS B 311 -45.53 -40.96 -6.61
C HIS B 311 -46.60 -40.44 -7.55
N LEU B 312 -46.35 -40.57 -8.84
CA LEU B 312 -47.29 -40.13 -9.84
C LEU B 312 -48.42 -41.15 -10.03
N GLY B 313 -48.60 -42.00 -9.02
CA GLY B 313 -49.66 -43.00 -9.05
C GLY B 313 -49.72 -43.97 -10.22
N TYR B 314 -48.58 -44.47 -10.65
CA TYR B 314 -48.56 -45.42 -11.76
C TYR B 314 -48.13 -46.78 -11.22
N PRO B 315 -48.08 -47.78 -12.11
CA PRO B 315 -47.68 -49.10 -11.67
C PRO B 315 -46.18 -49.29 -11.83
N PRO B 316 -45.47 -49.53 -10.72
CA PRO B 316 -44.02 -49.73 -10.74
C PRO B 316 -43.65 -50.78 -11.79
N PRO B 317 -43.34 -50.32 -13.02
CA PRO B 317 -42.99 -51.25 -14.09
C PRO B 317 -41.99 -52.30 -13.66
N VAL B 318 -41.91 -53.38 -14.42
CA VAL B 318 -40.98 -54.47 -14.15
C VAL B 318 -40.64 -55.12 -15.49
MG MG C . 24.53 12.83 -0.88
N9 ADE D . 33.14 17.20 6.32
C8 ADE D . 31.91 17.73 6.08
N7 ADE D . 31.44 18.38 7.10
C5 ADE D . 32.40 18.27 8.09
C6 ADE D . 32.53 18.76 9.46
N6 ADE D . 31.57 19.49 10.06
N1 ADE D . 33.67 18.45 10.17
C2 ADE D . 34.67 17.71 9.60
N3 ADE D . 34.65 17.21 8.32
C4 ADE D . 33.49 17.53 7.62
MG MG E . -22.89 -11.88 -0.80
N9 ADE F . -32.50 -16.89 6.71
C8 ADE F . -31.37 -17.47 6.28
N7 ADE F . -30.75 -18.13 7.19
C5 ADE F . -31.54 -18.00 8.34
C6 ADE F . -31.46 -18.48 9.74
N6 ADE F . -30.45 -19.25 10.19
N1 ADE F . -32.47 -18.12 10.63
C2 ADE F . -33.50 -17.34 10.22
N3 ADE F . -33.66 -16.84 8.94
C4 ADE F . -32.65 -17.21 8.05
#